data_1T82
#
_entry.id   1T82
#
_cell.length_a   54.980
_cell.length_b   49.669
_cell.length_c   99.670
_cell.angle_alpha   90.00
_cell.angle_beta   91.09
_cell.angle_gamma   90.00
#
_symmetry.space_group_name_H-M   'P 1 21 1'
#
loop_
_entity.id
_entity.type
_entity.pdbx_description
1 polymer 'hypothetical acetyltransferase'
2 water water
#
_entity_poly.entity_id   1
_entity_poly.type   'polypeptide(L)'
_entity_poly.pdbx_seq_one_letter_code
;(MSE)GHHHHHHSH(MSE)DELLNRLRQTWHSTIPVSEF(MSE)QIAPLSFTDGELSVSAPLAPNINLHHT(MSE)FAGS
IYTI(MSE)TLTGWG(MSE)VWLQQQLLNVDGDIVLADAHIRYLAPVTSAPEVKVRWPDTNLSPLQRGRKAKVKLEVQLF
CDGKLCAQFDGLYVSVPK(MSE)
;
_entity_poly.pdbx_strand_id   A,B,C,D
#
# COMPACT_ATOMS: atom_id res chain seq x y z
N ASP A 12 14.23 -42.41 30.84
CA ASP A 12 12.91 -41.86 31.16
C ASP A 12 13.05 -40.66 32.09
N GLU A 13 13.74 -40.87 33.21
CA GLU A 13 13.96 -39.82 34.21
C GLU A 13 14.69 -38.64 33.58
N LEU A 14 15.69 -38.94 32.76
CA LEU A 14 16.49 -37.92 32.09
C LEU A 14 15.64 -37.04 31.18
N LEU A 15 14.85 -37.66 30.32
CA LEU A 15 13.99 -36.90 29.42
C LEU A 15 12.91 -36.15 30.18
N ASN A 16 12.43 -36.73 31.27
CA ASN A 16 11.41 -36.10 32.07
C ASN A 16 11.97 -34.82 32.68
N ARG A 17 13.23 -34.88 33.12
CA ARG A 17 13.89 -33.72 33.71
C ARG A 17 14.07 -32.63 32.65
N LEU A 18 14.41 -33.02 31.44
CA LEU A 18 14.60 -32.08 30.34
C LEU A 18 13.29 -31.34 30.07
N ARG A 19 12.18 -32.09 29.95
CA ARG A 19 10.89 -31.48 29.72
C ARG A 19 10.55 -30.47 30.81
N GLN A 20 10.78 -30.85 32.05
CA GLN A 20 10.50 -29.99 33.20
C GLN A 20 11.34 -28.72 33.15
N THR A 21 12.59 -28.86 32.71
CA THR A 21 13.49 -27.72 32.62
C THR A 21 12.95 -26.74 31.57
N TRP A 22 12.55 -27.27 30.41
CA TRP A 22 12.01 -26.40 29.37
C TRP A 22 10.77 -25.65 29.83
N HIS A 23 9.76 -26.39 30.29
CA HIS A 23 8.51 -25.77 30.70
C HIS A 23 8.64 -24.78 31.85
N SER A 24 9.53 -25.07 32.79
CA SER A 24 9.73 -24.20 33.94
C SER A 24 10.52 -22.93 33.64
N THR A 25 11.37 -22.96 32.62
CA THR A 25 12.19 -21.80 32.29
C THR A 25 11.80 -21.05 31.02
N ILE A 26 11.04 -21.71 30.15
CA ILE A 26 10.63 -21.12 28.88
C ILE A 26 9.13 -21.26 28.70
N PRO A 27 8.36 -20.26 29.18
CA PRO A 27 6.89 -20.27 29.06
C PRO A 27 6.37 -20.67 27.67
N VAL A 28 7.05 -20.21 26.63
CA VAL A 28 6.64 -20.53 25.27
C VAL A 28 6.70 -22.04 25.00
N SER A 29 7.70 -22.72 25.55
CA SER A 29 7.82 -24.16 25.31
C SER A 29 6.67 -24.90 25.97
N GLU A 30 6.15 -24.35 27.06
CA GLU A 30 5.04 -24.95 27.77
C GLU A 30 3.75 -24.74 26.97
N PHE A 31 3.58 -23.55 26.43
CA PHE A 31 2.38 -23.27 25.63
C PHE A 31 2.35 -24.13 24.37
N GLN A 33 3.60 -26.89 24.09
CA GLN A 33 3.55 -28.28 24.55
C GLN A 33 4.64 -29.15 23.93
N ILE A 34 5.86 -28.63 23.92
CA ILE A 34 7.00 -29.35 23.36
C ILE A 34 7.53 -30.32 24.40
N ALA A 35 7.72 -31.58 24.00
CA ALA A 35 8.24 -32.56 24.94
C ALA A 35 9.05 -33.64 24.24
N PRO A 36 10.08 -34.16 24.92
CA PRO A 36 10.93 -35.21 24.35
C PRO A 36 10.12 -36.49 24.15
N LEU A 37 10.47 -37.23 23.10
CA LEU A 37 9.79 -38.50 22.83
C LEU A 37 10.69 -39.65 23.28
N SER A 38 11.95 -39.60 22.87
CA SER A 38 12.89 -40.67 23.20
C SER A 38 14.33 -40.31 22.93
N PHE A 39 15.24 -41.09 23.50
CA PHE A 39 16.66 -40.89 23.32
C PHE A 39 17.27 -42.29 23.25
N THR A 40 17.49 -42.77 22.02
CA THR A 40 18.06 -44.10 21.82
C THR A 40 19.07 -44.14 20.69
N ASP A 41 20.14 -44.90 20.91
CA ASP A 41 21.19 -45.08 19.92
C ASP A 41 21.82 -43.75 19.49
N GLY A 42 21.86 -42.80 20.42
CA GLY A 42 22.45 -41.51 20.12
C GLY A 42 21.57 -40.56 19.33
N GLU A 43 20.27 -40.81 19.30
CA GLU A 43 19.37 -39.93 18.57
C GLU A 43 18.27 -39.43 19.49
N LEU A 44 18.09 -38.11 19.56
CA LEU A 44 17.04 -37.54 20.39
C LEU A 44 15.84 -37.23 19.51
N SER A 45 14.66 -37.64 19.98
CA SER A 45 13.41 -37.40 19.26
C SER A 45 12.50 -36.56 20.15
N VAL A 46 11.90 -35.53 19.56
CA VAL A 46 11.02 -34.60 20.27
C VAL A 46 9.77 -34.33 19.46
N SER A 47 8.66 -34.00 20.13
CA SER A 47 7.43 -33.70 19.41
C SER A 47 6.59 -32.66 20.14
N ALA A 48 5.46 -32.32 19.52
CA ALA A 48 4.54 -31.35 20.08
C ALA A 48 3.26 -31.50 19.27
N PRO A 49 2.11 -31.22 19.90
CA PRO A 49 0.83 -31.34 19.18
C PRO A 49 0.68 -30.19 18.21
N LEU A 50 -0.19 -30.38 17.22
CA LEU A 50 -0.43 -29.35 16.23
C LEU A 50 -1.29 -28.22 16.79
N ALA A 51 -2.34 -28.58 17.53
CA ALA A 51 -3.29 -27.62 18.10
C ALA A 51 -2.83 -26.23 18.50
N PRO A 52 -1.95 -26.10 19.51
CA PRO A 52 -1.52 -24.75 19.89
C PRO A 52 -0.53 -24.14 18.89
N ASN A 53 0.00 -24.98 18.03
CA ASN A 53 1.00 -24.56 17.06
C ASN A 53 0.51 -24.35 15.63
N ILE A 54 -0.80 -24.22 15.47
CA ILE A 54 -1.37 -24.04 14.15
C ILE A 54 -1.24 -22.63 13.56
N ASN A 55 -1.51 -22.56 12.26
CA ASN A 55 -1.50 -21.31 11.51
C ASN A 55 -2.86 -21.28 10.79
N LEU A 56 -2.97 -20.40 9.81
CA LEU A 56 -4.20 -20.24 9.04
C LEU A 56 -4.75 -21.54 8.43
N HIS A 57 -3.87 -22.31 7.80
CA HIS A 57 -4.25 -23.57 7.15
C HIS A 57 -4.25 -24.75 8.10
N HIS A 58 -4.19 -24.47 9.40
CA HIS A 58 -4.16 -25.49 10.43
C HIS A 58 -2.97 -26.44 10.25
N THR A 59 -1.90 -25.93 9.67
CA THR A 59 -0.68 -26.71 9.52
C THR A 59 0.23 -26.11 10.58
N PHE A 61 2.69 -23.86 12.42
CA PHE A 61 3.22 -22.52 12.30
C PHE A 61 4.75 -22.52 12.19
N ALA A 62 5.27 -21.70 11.26
CA ALA A 62 6.71 -21.59 11.02
C ALA A 62 7.53 -21.33 12.29
N GLY A 63 6.96 -20.53 13.18
CA GLY A 63 7.64 -20.21 14.42
C GLY A 63 7.71 -21.39 15.36
N SER A 64 6.64 -22.19 15.37
CA SER A 64 6.63 -23.37 16.24
C SER A 64 7.61 -24.39 15.69
N ILE A 65 7.63 -24.55 14.37
CA ILE A 65 8.55 -25.49 13.74
C ILE A 65 9.97 -25.13 14.15
N TYR A 66 10.33 -23.86 13.98
CA TYR A 66 11.67 -23.40 14.35
C TYR A 66 11.96 -23.64 15.82
N THR A 67 11.01 -23.26 16.67
CA THR A 67 11.19 -23.40 18.10
C THR A 67 11.38 -24.84 18.56
N ILE A 68 10.60 -25.75 18.01
CA ILE A 68 10.74 -27.15 18.42
C ILE A 68 12.11 -27.69 17.99
N THR A 70 14.87 -25.88 17.53
CA THR A 70 15.85 -25.20 18.37
C THR A 70 15.98 -25.92 19.71
N LEU A 71 14.85 -26.26 20.32
CA LEU A 71 14.87 -26.94 21.61
C LEU A 71 15.36 -28.38 21.49
N THR A 72 15.17 -28.99 20.32
CA THR A 72 15.64 -30.36 20.13
C THR A 72 17.18 -30.31 20.13
N GLY A 73 17.76 -29.33 19.44
CA GLY A 73 19.21 -29.19 19.43
C GLY A 73 19.69 -28.89 20.85
N TRP A 74 19.02 -27.95 21.50
CA TRP A 74 19.32 -27.54 22.87
C TRP A 74 19.32 -28.78 23.76
N GLY A 75 18.27 -29.59 23.62
CA GLY A 75 18.14 -30.81 24.40
C GLY A 75 19.29 -31.79 24.20
N VAL A 77 22.39 -31.04 23.36
CA VAL A 77 23.57 -30.50 24.04
C VAL A 77 23.45 -30.79 25.54
N TRP A 78 22.26 -30.55 26.09
CA TRP A 78 22.00 -30.78 27.50
C TRP A 78 22.27 -32.24 27.85
N LEU A 79 21.78 -33.16 27.02
CA LEU A 79 21.99 -34.58 27.26
C LEU A 79 23.46 -34.94 27.16
N GLN A 80 24.17 -34.38 26.20
CA GLN A 80 25.59 -34.69 26.07
C GLN A 80 26.36 -34.14 27.27
N GLN A 81 25.89 -33.02 27.83
CA GLN A 81 26.54 -32.46 29.01
C GLN A 81 26.34 -33.44 30.17
N GLN A 82 25.13 -33.99 30.28
CA GLN A 82 24.83 -34.95 31.34
C GLN A 82 25.72 -36.19 31.22
N LEU A 83 25.87 -36.68 30.00
CA LEU A 83 26.70 -37.87 29.77
C LEU A 83 28.17 -37.61 30.10
N LEU A 84 28.60 -36.36 29.94
CA LEU A 84 29.99 -35.99 30.22
C LEU A 84 30.16 -35.51 31.65
N ASN A 85 29.04 -35.37 32.36
CA ASN A 85 29.04 -34.92 33.75
C ASN A 85 29.59 -33.51 33.89
N VAL A 86 29.19 -32.63 32.97
CA VAL A 86 29.63 -31.25 32.99
C VAL A 86 28.39 -30.38 32.83
N ASP A 87 28.55 -29.08 33.09
CA ASP A 87 27.44 -28.14 32.95
C ASP A 87 27.92 -26.87 32.27
N GLY A 88 27.01 -26.20 31.57
CA GLY A 88 27.35 -24.97 30.88
C GLY A 88 26.14 -24.33 30.26
N ASP A 89 26.17 -23.01 30.14
CA ASP A 89 25.07 -22.27 29.54
C ASP A 89 25.01 -22.67 28.07
N ILE A 90 23.83 -23.06 27.60
CA ILE A 90 23.64 -23.48 26.22
C ILE A 90 23.08 -22.32 25.40
N VAL A 91 23.86 -21.83 24.44
CA VAL A 91 23.43 -20.70 23.63
C VAL A 91 23.44 -20.98 22.13
N LEU A 92 22.35 -20.61 21.45
CA LEU A 92 22.26 -20.78 20.00
C LEU A 92 22.83 -19.51 19.37
N ALA A 93 23.97 -19.65 18.69
CA ALA A 93 24.63 -18.50 18.07
C ALA A 93 24.00 -18.08 16.75
N ASP A 94 23.62 -19.06 15.94
CA ASP A 94 23.00 -18.79 14.66
C ASP A 94 22.36 -20.06 14.15
N ALA A 95 21.44 -19.90 13.21
CA ALA A 95 20.75 -21.06 12.67
C ALA A 95 20.23 -20.78 11.27
N HIS A 96 20.12 -21.85 10.50
CA HIS A 96 19.60 -21.80 9.15
C HIS A 96 18.47 -22.83 9.12
N ILE A 97 17.30 -22.44 8.61
CA ILE A 97 16.18 -23.36 8.55
C ILE A 97 15.54 -23.31 7.16
N ARG A 98 15.19 -24.47 6.65
CA ARG A 98 14.55 -24.59 5.36
C ARG A 98 13.23 -25.33 5.53
N TYR A 99 12.15 -24.72 5.05
CA TYR A 99 10.83 -25.34 5.15
C TYR A 99 10.58 -26.02 3.80
N LEU A 100 10.49 -27.34 3.83
CA LEU A 100 10.29 -28.14 2.63
C LEU A 100 8.86 -28.49 2.29
N ALA A 101 8.02 -28.65 3.31
CA ALA A 101 6.62 -28.99 3.10
C ALA A 101 5.82 -28.72 4.38
N PRO A 102 4.51 -28.46 4.23
CA PRO A 102 3.67 -28.17 5.39
C PRO A 102 3.59 -29.37 6.33
N VAL A 103 3.48 -29.07 7.63
CA VAL A 103 3.39 -30.08 8.67
C VAL A 103 1.92 -30.19 9.03
N THR A 104 1.32 -31.33 8.69
CA THR A 104 -0.11 -31.56 8.91
C THR A 104 -0.53 -32.32 10.16
N SER A 105 0.43 -32.69 10.99
CA SER A 105 0.14 -33.40 12.23
C SER A 105 1.37 -33.36 13.14
N ALA A 106 1.22 -33.84 14.37
CA ALA A 106 2.32 -33.85 15.33
C ALA A 106 3.54 -34.48 14.69
N PRO A 107 4.63 -33.71 14.54
CA PRO A 107 5.84 -34.22 13.91
C PRO A 107 6.81 -34.93 14.84
N GLU A 108 7.83 -35.51 14.23
CA GLU A 108 8.90 -36.18 14.97
C GLU A 108 10.13 -35.36 14.59
N VAL A 109 10.71 -34.68 15.58
CA VAL A 109 11.88 -33.85 15.37
C VAL A 109 13.09 -34.59 15.90
N LYS A 110 14.05 -34.88 15.03
CA LYS A 110 15.21 -35.66 15.44
C LYS A 110 16.57 -35.02 15.23
N VAL A 111 17.51 -35.41 16.08
CA VAL A 111 18.86 -34.92 15.98
C VAL A 111 19.81 -36.02 16.45
N ARG A 112 20.93 -36.15 15.75
CA ARG A 112 21.94 -37.13 16.07
C ARG A 112 23.20 -36.38 16.44
N TRP A 113 23.99 -36.94 17.36
CA TRP A 113 25.22 -36.30 17.80
C TRP A 113 26.30 -36.49 16.74
N PRO A 114 26.91 -35.39 16.25
CA PRO A 114 27.97 -35.45 15.24
C PRO A 114 29.27 -36.02 15.79
N ASP A 115 30.27 -36.17 14.92
CA ASP A 115 31.56 -36.70 15.34
C ASP A 115 32.39 -35.67 16.08
N THR A 116 31.89 -35.24 17.24
CA THR A 116 32.57 -34.25 18.06
C THR A 116 32.29 -34.52 19.54
N ASN A 117 32.80 -33.64 20.40
CA ASN A 117 32.59 -33.79 21.83
C ASN A 117 32.57 -32.44 22.52
N LEU A 118 32.26 -32.45 23.82
CA LEU A 118 32.21 -31.22 24.60
C LEU A 118 33.31 -31.22 25.65
N SER A 119 34.40 -31.94 25.35
CA SER A 119 35.53 -32.04 26.27
C SER A 119 36.06 -30.70 26.79
N PRO A 120 36.04 -29.64 25.96
CA PRO A 120 36.54 -28.35 26.42
C PRO A 120 35.90 -27.89 27.73
N LEU A 121 34.64 -28.30 27.94
CA LEU A 121 33.92 -27.95 29.14
C LEU A 121 34.60 -28.54 30.37
N GLN A 122 35.26 -29.69 30.19
CA GLN A 122 35.95 -30.35 31.29
C GLN A 122 37.18 -29.56 31.71
N ARG A 123 37.66 -28.71 30.82
CA ARG A 123 38.83 -27.88 31.08
C ARG A 123 38.42 -26.43 31.37
N GLY A 124 37.13 -26.21 31.58
CA GLY A 124 36.65 -24.86 31.86
C GLY A 124 36.72 -23.98 30.63
N ARG A 125 36.50 -24.58 29.47
CA ARG A 125 36.53 -23.87 28.19
C ARG A 125 35.22 -24.09 27.45
N LYS A 126 34.81 -23.11 26.66
CA LYS A 126 33.56 -23.23 25.93
C LYS A 126 33.67 -24.29 24.84
N ALA A 127 32.56 -24.98 24.57
CA ALA A 127 32.56 -26.02 23.55
C ALA A 127 31.45 -25.74 22.54
N LYS A 128 31.84 -25.68 21.27
CA LYS A 128 30.88 -25.41 20.21
C LYS A 128 30.55 -26.65 19.40
N VAL A 129 29.31 -26.73 18.94
CA VAL A 129 28.88 -27.86 18.12
C VAL A 129 27.84 -27.43 17.11
N LYS A 130 27.95 -27.96 15.90
CA LYS A 130 27.01 -27.66 14.83
C LYS A 130 26.06 -28.84 14.77
N LEU A 131 24.78 -28.60 15.03
CA LEU A 131 23.80 -29.67 15.01
C LEU A 131 22.83 -29.60 13.85
N GLU A 132 22.55 -30.76 13.28
CA GLU A 132 21.61 -30.87 12.18
C GLU A 132 20.34 -31.47 12.78
N VAL A 133 19.26 -30.72 12.72
CA VAL A 133 17.98 -31.17 13.26
C VAL A 133 17.00 -31.34 12.10
N GLN A 134 16.25 -32.43 12.11
CA GLN A 134 15.31 -32.68 11.02
C GLN A 134 13.91 -32.92 11.56
N LEU A 135 12.91 -32.39 10.86
CA LEU A 135 11.52 -32.56 11.28
C LEU A 135 10.77 -33.41 10.27
N PHE A 136 10.17 -34.49 10.76
CA PHE A 136 9.41 -35.41 9.91
C PHE A 136 7.93 -35.44 10.24
N CYS A 137 7.10 -35.64 9.22
CA CYS A 137 5.66 -35.75 9.40
C CYS A 137 5.23 -36.88 8.47
N ASP A 138 4.67 -37.94 9.05
CA ASP A 138 4.24 -39.12 8.31
C ASP A 138 5.40 -39.75 7.53
N GLY A 139 6.60 -39.69 8.10
CA GLY A 139 7.76 -40.26 7.46
C GLY A 139 8.42 -39.42 6.39
N LYS A 140 7.93 -38.20 6.18
CA LYS A 140 8.53 -37.32 5.18
C LYS A 140 9.22 -36.13 5.83
N LEU A 141 10.37 -35.74 5.30
CA LEU A 141 11.12 -34.60 5.82
C LEU A 141 10.42 -33.31 5.43
N CYS A 142 9.94 -32.55 6.41
CA CYS A 142 9.25 -31.31 6.11
C CYS A 142 10.06 -30.05 6.40
N ALA A 143 11.13 -30.17 7.19
CA ALA A 143 11.98 -29.03 7.50
C ALA A 143 13.38 -29.47 7.92
N GLN A 144 14.37 -28.65 7.57
CA GLN A 144 15.78 -28.91 7.86
C GLN A 144 16.32 -27.73 8.66
N PHE A 145 17.07 -28.02 9.72
CA PHE A 145 17.61 -26.99 10.59
C PHE A 145 19.08 -27.24 10.90
N ASP A 146 19.89 -26.19 10.83
CA ASP A 146 21.30 -26.30 11.13
C ASP A 146 21.63 -25.19 12.12
N GLY A 147 22.00 -25.56 13.33
CA GLY A 147 22.30 -24.56 14.33
C GLY A 147 23.64 -24.71 15.00
N LEU A 148 24.24 -23.57 15.35
CA LEU A 148 25.53 -23.57 16.03
C LEU A 148 25.25 -23.32 17.50
N TYR A 149 25.48 -24.35 18.32
CA TYR A 149 25.26 -24.25 19.76
C TYR A 149 26.59 -24.16 20.48
N VAL A 150 26.65 -23.29 21.47
CA VAL A 150 27.88 -23.13 22.24
C VAL A 150 27.58 -23.39 23.72
N SER A 151 28.44 -24.17 24.36
CA SER A 151 28.29 -24.45 25.78
C SER A 151 29.35 -23.63 26.50
N VAL A 152 28.91 -22.73 27.37
CA VAL A 152 29.83 -21.87 28.12
C VAL A 152 29.83 -22.24 29.60
N PRO A 153 30.96 -22.78 30.08
CA PRO A 153 31.13 -23.19 31.48
C PRO A 153 31.11 -22.01 32.46
N HIS B 6 -6.79 -0.20 18.04
CA HIS B 6 -5.50 0.36 18.55
C HIS B 6 -4.98 1.50 17.69
N HIS B 7 -4.35 2.47 18.34
CA HIS B 7 -3.81 3.63 17.63
C HIS B 7 -2.28 3.56 17.64
N HIS B 8 -1.69 3.70 16.47
CA HIS B 8 -0.24 3.64 16.32
C HIS B 8 0.31 4.99 15.89
N HIS B 10 1.62 5.18 15.98
CA HIS B 10 2.23 6.44 15.58
C HIS B 10 1.82 6.78 14.15
N ASP B 12 -3.66 2.81 10.69
CA ASP B 12 -4.29 2.12 11.81
C ASP B 12 -5.18 0.95 11.39
N GLU B 13 -5.98 1.15 10.35
CA GLU B 13 -6.86 0.11 9.86
C GLU B 13 -6.10 -1.17 9.49
N LEU B 14 -5.06 -1.04 8.68
CA LEU B 14 -4.27 -2.19 8.25
C LEU B 14 -3.50 -2.84 9.40
N LEU B 15 -2.89 -2.02 10.25
CA LEU B 15 -2.12 -2.56 11.37
C LEU B 15 -3.00 -3.34 12.34
N ASN B 16 -4.21 -2.84 12.58
CA ASN B 16 -5.13 -3.53 13.48
C ASN B 16 -5.55 -4.84 12.83
N ARG B 17 -5.77 -4.80 11.51
CA ARG B 17 -6.16 -5.97 10.75
C ARG B 17 -5.05 -7.01 10.81
N LEU B 18 -3.81 -6.55 10.69
CA LEU B 18 -2.67 -7.45 10.73
C LEU B 18 -2.59 -8.14 12.10
N ARG B 19 -2.71 -7.33 13.16
CA ARG B 19 -2.65 -7.85 14.53
C ARG B 19 -3.76 -8.88 14.77
N GLN B 20 -4.98 -8.56 14.32
CA GLN B 20 -6.13 -9.44 14.48
C GLN B 20 -5.93 -10.74 13.70
N THR B 21 -5.33 -10.63 12.53
CA THR B 21 -5.08 -11.80 11.68
C THR B 21 -4.12 -12.73 12.41
N TRP B 22 -3.09 -12.17 13.03
CA TRP B 22 -2.13 -12.98 13.75
C TRP B 22 -2.75 -13.72 14.93
N HIS B 23 -3.33 -12.97 15.86
CA HIS B 23 -3.90 -13.58 17.05
C HIS B 23 -5.07 -14.52 16.79
N SER B 24 -5.80 -14.31 15.71
CA SER B 24 -6.94 -15.16 15.40
C SER B 24 -6.57 -16.42 14.62
N THR B 25 -5.41 -16.41 13.96
CA THR B 25 -5.03 -17.59 13.18
C THR B 25 -3.82 -18.33 13.73
N ILE B 26 -3.01 -17.63 14.52
CA ILE B 26 -1.80 -18.22 15.09
C ILE B 26 -1.79 -18.07 16.61
N PRO B 27 -2.31 -19.07 17.33
CA PRO B 27 -2.35 -19.04 18.80
C PRO B 27 -1.03 -18.64 19.48
N VAL B 28 0.09 -19.09 18.92
CA VAL B 28 1.39 -18.75 19.48
C VAL B 28 1.64 -17.25 19.47
N SER B 29 1.18 -16.57 18.41
CA SER B 29 1.39 -15.13 18.31
C SER B 29 0.63 -14.36 19.39
N GLU B 30 -0.51 -14.92 19.80
CA GLU B 30 -1.33 -14.32 20.84
C GLU B 30 -0.68 -14.56 22.19
N PHE B 31 -0.15 -15.77 22.39
CA PHE B 31 0.49 -16.07 23.66
C PHE B 31 1.73 -15.18 23.83
N GLN B 33 2.07 -12.32 22.64
CA GLN B 33 1.61 -10.93 22.65
C GLN B 33 2.32 -10.05 21.63
N ILE B 34 2.56 -10.61 20.44
CA ILE B 34 3.23 -9.89 19.37
C ILE B 34 2.24 -8.91 18.74
N ALA B 35 2.66 -7.67 18.55
CA ALA B 35 1.79 -6.69 17.95
C ALA B 35 2.57 -5.63 17.18
N PRO B 36 1.96 -5.11 16.10
CA PRO B 36 2.60 -4.08 15.28
C PRO B 36 2.71 -2.76 16.04
N LEU B 37 3.75 -1.99 15.76
CA LEU B 37 3.96 -0.71 16.39
C LEU B 37 3.65 0.43 15.43
N SER B 38 4.14 0.30 14.20
CA SER B 38 3.92 1.34 13.20
C SER B 38 4.31 0.90 11.80
N PHE B 39 3.80 1.60 10.80
CA PHE B 39 4.11 1.31 9.41
C PHE B 39 4.08 2.61 8.62
N THR B 40 5.26 3.18 8.39
CA THR B 40 5.37 4.44 7.65
C THR B 40 6.67 4.50 6.86
N ASP B 41 6.64 5.19 5.73
CA ASP B 41 7.81 5.34 4.89
C ASP B 41 8.43 4.00 4.49
N GLY B 42 7.58 2.99 4.31
CA GLY B 42 8.07 1.68 3.90
C GLY B 42 8.71 0.84 4.98
N GLU B 43 8.60 1.26 6.24
CA GLU B 43 9.20 0.49 7.33
C GLU B 43 8.15 0.01 8.32
N LEU B 44 8.16 -1.29 8.58
CA LEU B 44 7.23 -1.88 9.54
C LEU B 44 7.99 -2.16 10.83
N SER B 45 7.43 -1.72 11.95
CA SER B 45 8.03 -1.94 13.26
C SER B 45 7.08 -2.79 14.09
N VAL B 46 7.62 -3.83 14.73
CA VAL B 46 6.83 -4.76 15.54
C VAL B 46 7.50 -5.00 16.89
N SER B 47 6.73 -5.38 17.91
CA SER B 47 7.31 -5.65 19.21
C SER B 47 6.50 -6.71 19.96
N ALA B 48 6.98 -7.08 21.13
CA ALA B 48 6.33 -8.06 21.98
C ALA B 48 6.94 -7.88 23.35
N PRO B 49 6.17 -8.13 24.40
CA PRO B 49 6.68 -8.01 25.77
C PRO B 49 7.66 -9.13 26.04
N LEU B 50 8.55 -8.91 27.00
CA LEU B 50 9.53 -9.92 27.35
C LEU B 50 8.91 -11.05 28.16
N ALA B 51 8.03 -10.70 29.10
CA ALA B 51 7.41 -11.66 30.01
C ALA B 51 7.07 -13.08 29.53
N PRO B 52 6.19 -13.21 28.53
CA PRO B 52 5.84 -14.56 28.06
C PRO B 52 6.93 -15.18 27.20
N ASN B 53 7.88 -14.34 26.80
CA ASN B 53 8.96 -14.75 25.92
C ASN B 53 10.33 -14.95 26.57
N ILE B 54 10.36 -15.12 27.89
CA ILE B 54 11.63 -15.30 28.58
C ILE B 54 12.23 -16.70 28.52
N ASN B 55 13.49 -16.78 28.94
CA ASN B 55 14.24 -18.02 29.03
C ASN B 55 14.77 -18.01 30.47
N LEU B 56 15.64 -18.95 30.81
CA LEU B 56 16.17 -19.04 32.17
C LEU B 56 16.95 -17.81 32.63
N HIS B 57 17.49 -17.05 31.67
CA HIS B 57 18.26 -15.85 31.99
C HIS B 57 17.34 -14.64 32.13
N HIS B 58 16.05 -14.85 31.91
CA HIS B 58 15.09 -13.76 31.98
C HIS B 58 15.32 -12.79 30.82
N THR B 59 15.97 -13.28 29.76
CA THR B 59 16.20 -12.48 28.55
C THR B 59 15.31 -13.12 27.51
N PHE B 61 13.84 -15.46 24.81
CA PHE B 61 14.07 -16.80 24.31
C PHE B 61 14.36 -16.80 22.81
N ALA B 62 15.37 -17.57 22.40
CA ALA B 62 15.77 -17.65 21.01
C ALA B 62 14.60 -17.96 20.06
N GLY B 63 13.69 -18.80 20.51
CA GLY B 63 12.54 -19.16 19.68
C GLY B 63 11.58 -17.99 19.52
N SER B 64 11.41 -17.20 20.57
CA SER B 64 10.52 -16.06 20.50
C SER B 64 11.14 -15.00 19.60
N ILE B 65 12.45 -14.80 19.74
CA ILE B 65 13.16 -13.83 18.91
C ILE B 65 12.90 -14.17 17.44
N TYR B 66 13.15 -15.43 17.07
CA TYR B 66 12.94 -15.87 15.70
C TYR B 66 11.49 -15.70 15.26
N THR B 67 10.56 -16.14 16.11
CA THR B 67 9.15 -16.04 15.76
C THR B 67 8.69 -14.61 15.51
N ILE B 68 9.07 -13.67 16.37
CA ILE B 68 8.64 -12.31 16.14
C ILE B 68 9.24 -11.76 14.84
N THR B 70 10.14 -13.54 12.13
CA THR B 70 9.49 -14.13 10.97
C THR B 70 8.09 -13.58 10.77
N LEU B 71 7.37 -13.28 11.85
CA LEU B 71 6.02 -12.72 11.70
C LEU B 71 6.10 -11.28 11.18
N THR B 72 7.18 -10.58 11.53
CA THR B 72 7.34 -9.21 11.05
C THR B 72 7.58 -9.23 9.54
N GLY B 73 8.40 -10.17 9.07
CA GLY B 73 8.65 -10.27 7.65
C GLY B 73 7.38 -10.67 6.94
N TRP B 74 6.71 -11.69 7.46
CA TRP B 74 5.45 -12.16 6.90
C TRP B 74 4.46 -11.00 6.85
N GLY B 75 4.39 -10.25 7.95
CA GLY B 75 3.49 -9.12 8.04
C GLY B 75 3.75 -8.05 6.99
N VAL B 77 5.02 -8.56 3.94
CA VAL B 77 4.53 -9.03 2.65
C VAL B 77 3.02 -8.90 2.62
N TRP B 78 2.37 -9.27 3.72
CA TRP B 78 0.91 -9.19 3.84
C TRP B 78 0.45 -7.76 3.60
N LEU B 79 1.11 -6.80 4.26
CA LEU B 79 0.75 -5.39 4.12
C LEU B 79 0.87 -4.92 2.69
N GLN B 80 1.97 -5.27 2.03
CA GLN B 80 2.17 -4.85 0.65
C GLN B 80 1.09 -5.44 -0.26
N GLN B 81 0.67 -6.67 0.04
CA GLN B 81 -0.38 -7.30 -0.76
C GLN B 81 -1.70 -6.59 -0.54
N GLN B 82 -1.96 -6.19 0.70
CA GLN B 82 -3.20 -5.48 1.00
C GLN B 82 -3.23 -4.15 0.24
N LEU B 83 -2.10 -3.45 0.19
CA LEU B 83 -2.02 -2.17 -0.50
C LEU B 83 -2.34 -2.28 -1.99
N LEU B 84 -1.98 -3.41 -2.60
CA LEU B 84 -2.24 -3.63 -4.02
C LEU B 84 -3.55 -4.37 -4.24
N ASN B 85 -4.17 -4.80 -3.15
CA ASN B 85 -5.43 -5.53 -3.19
C ASN B 85 -5.24 -6.84 -3.95
N VAL B 86 -4.18 -7.56 -3.61
CA VAL B 86 -3.90 -8.84 -4.26
C VAL B 86 -3.91 -9.95 -3.21
N ASP B 87 -4.42 -11.11 -3.59
CA ASP B 87 -4.49 -12.24 -2.67
C ASP B 87 -3.40 -13.26 -2.98
N GLY B 88 -2.74 -13.73 -1.92
CA GLY B 88 -1.69 -14.71 -2.08
C GLY B 88 -1.29 -15.31 -0.75
N ASP B 89 -1.09 -16.62 -0.73
CA ASP B 89 -0.69 -17.33 0.49
C ASP B 89 0.81 -17.17 0.68
N ILE B 90 1.20 -16.45 1.74
CA ILE B 90 2.60 -16.19 2.06
C ILE B 90 3.21 -17.29 2.91
N VAL B 91 4.30 -17.89 2.43
CA VAL B 91 4.95 -18.96 3.17
C VAL B 91 6.46 -18.75 3.22
N LEU B 92 7.03 -18.88 4.42
CA LEU B 92 8.48 -18.73 4.55
C LEU B 92 9.14 -19.99 4.03
N ALA B 93 10.05 -19.83 3.06
CA ALA B 93 10.75 -20.96 2.47
C ALA B 93 12.05 -21.29 3.19
N ASP B 94 12.84 -20.27 3.47
CA ASP B 94 14.10 -20.48 4.16
C ASP B 94 14.50 -19.22 4.89
N ALA B 95 15.23 -19.39 5.98
CA ALA B 95 15.65 -18.25 6.75
C ALA B 95 16.94 -18.52 7.49
N HIS B 96 17.67 -17.44 7.75
CA HIS B 96 18.92 -17.49 8.48
C HIS B 96 18.83 -16.46 9.58
N ILE B 97 19.21 -16.83 10.80
CA ILE B 97 19.15 -15.89 11.91
C ILE B 97 20.44 -15.94 12.71
N ARG B 98 20.92 -14.77 13.12
CA ARG B 98 22.13 -14.66 13.92
C ARG B 98 21.78 -13.92 15.20
N TYR B 99 22.16 -14.48 16.34
CA TYR B 99 21.90 -13.85 17.62
C TYR B 99 23.17 -13.14 18.06
N LEU B 100 23.11 -11.82 18.14
CA LEU B 100 24.27 -11.00 18.50
C LEU B 100 24.41 -10.70 19.98
N ALA B 101 23.31 -10.37 20.64
CA ALA B 101 23.35 -10.05 22.06
C ALA B 101 22.01 -10.34 22.72
N PRO B 102 22.03 -10.57 24.04
CA PRO B 102 20.78 -10.86 24.75
C PRO B 102 19.79 -9.69 24.67
N VAL B 103 18.51 -10.02 24.63
CA VAL B 103 17.43 -9.03 24.57
C VAL B 103 16.88 -8.90 25.98
N THR B 104 17.06 -7.73 26.58
CA THR B 104 16.64 -7.49 27.95
C THR B 104 15.32 -6.75 28.19
N SER B 105 14.61 -6.40 27.14
CA SER B 105 13.33 -5.74 27.29
C SER B 105 12.59 -5.82 25.97
N ALA B 106 11.37 -5.28 25.94
CA ALA B 106 10.56 -5.30 24.72
C ALA B 106 11.39 -4.71 23.58
N PRO B 107 11.68 -5.52 22.54
CA PRO B 107 12.48 -5.05 21.41
C PRO B 107 11.72 -4.35 20.29
N GLU B 108 12.48 -3.75 19.39
CA GLU B 108 11.91 -3.10 18.22
C GLU B 108 12.38 -3.94 17.05
N VAL B 109 11.43 -4.59 16.39
CA VAL B 109 11.74 -5.45 15.25
C VAL B 109 11.31 -4.69 14.01
N LYS B 110 12.29 -4.43 13.15
CA LYS B 110 12.05 -3.64 11.95
C LYS B 110 12.37 -4.31 10.62
N VAL B 111 11.58 -3.98 9.61
CA VAL B 111 11.80 -4.48 8.26
C VAL B 111 11.43 -3.35 7.29
N ARG B 112 12.27 -3.15 6.29
CA ARG B 112 12.05 -2.11 5.28
C ARG B 112 11.78 -2.78 3.94
N TRP B 113 10.74 -2.33 3.25
CA TRP B 113 10.35 -2.89 1.97
C TRP B 113 11.40 -2.58 0.89
N PRO B 114 11.90 -3.63 0.20
CA PRO B 114 12.90 -3.47 -0.86
C PRO B 114 12.30 -3.21 -2.24
N ASP B 115 11.05 -2.78 -2.27
CA ASP B 115 10.35 -2.48 -3.52
C ASP B 115 10.29 -3.68 -4.47
N THR B 116 9.96 -4.84 -3.92
CA THR B 116 9.87 -6.06 -4.71
C THR B 116 8.69 -5.98 -5.67
N ASN B 117 8.89 -6.52 -6.87
CA ASN B 117 7.83 -6.51 -7.88
C ASN B 117 6.85 -7.63 -7.55
N LEU B 118 5.62 -7.26 -7.22
CA LEU B 118 4.60 -8.25 -6.88
C LEU B 118 3.65 -8.48 -8.04
N SER B 119 3.95 -7.87 -9.19
CA SER B 119 3.09 -8.03 -10.37
C SER B 119 2.80 -9.48 -10.73
N PRO B 120 3.77 -10.40 -10.56
CA PRO B 120 3.52 -11.80 -10.89
C PRO B 120 2.26 -12.35 -10.24
N LEU B 121 2.00 -11.93 -9.00
CA LEU B 121 0.81 -12.37 -8.28
C LEU B 121 -0.45 -11.97 -9.03
N GLN B 122 -0.41 -10.79 -9.64
CA GLN B 122 -1.54 -10.26 -10.40
C GLN B 122 -1.63 -10.95 -11.76
N ARG B 123 -0.69 -11.85 -12.01
CA ARG B 123 -0.62 -12.60 -13.27
C ARG B 123 -0.98 -14.06 -13.02
N GLY B 124 -1.15 -14.41 -11.75
CA GLY B 124 -1.47 -15.78 -11.39
C GLY B 124 -0.21 -16.61 -11.22
N ARG B 125 0.90 -15.92 -10.95
CA ARG B 125 2.19 -16.58 -10.76
C ARG B 125 2.67 -16.35 -9.34
N LYS B 126 3.45 -17.29 -8.81
CA LYS B 126 3.99 -17.16 -7.46
C LYS B 126 5.04 -16.04 -7.49
N ALA B 127 5.23 -15.38 -6.36
CA ALA B 127 6.20 -14.30 -6.26
C ALA B 127 7.15 -14.55 -5.09
N LYS B 128 8.44 -14.28 -5.30
CA LYS B 128 9.44 -14.48 -4.26
C LYS B 128 9.84 -13.14 -3.65
N VAL B 129 9.91 -13.09 -2.33
CA VAL B 129 10.26 -11.86 -1.63
C VAL B 129 11.35 -12.11 -0.59
N LYS B 130 12.51 -11.50 -0.79
CA LYS B 130 13.61 -11.65 0.15
C LYS B 130 13.58 -10.45 1.08
N LEU B 131 13.41 -10.70 2.37
CA LEU B 131 13.36 -9.61 3.35
C LEU B 131 14.42 -9.73 4.43
N GLU B 132 14.83 -8.58 4.95
CA GLU B 132 15.80 -8.53 6.01
C GLU B 132 15.10 -7.93 7.22
N VAL B 133 15.16 -8.62 8.34
CA VAL B 133 14.52 -8.12 9.56
C VAL B 133 15.60 -7.93 10.60
N GLN B 134 15.54 -6.83 11.34
CA GLN B 134 16.52 -6.56 12.38
C GLN B 134 15.81 -6.35 13.71
N LEU B 135 16.42 -6.82 14.80
CA LEU B 135 15.84 -6.66 16.11
C LEU B 135 16.76 -5.82 16.99
N PHE B 136 16.20 -4.76 17.54
CA PHE B 136 16.95 -3.85 18.41
C PHE B 136 16.37 -3.82 19.81
N CYS B 137 17.23 -3.57 20.79
CA CYS B 137 16.83 -3.44 22.18
C CYS B 137 17.67 -2.28 22.74
N ASP B 138 16.99 -1.26 23.24
CA ASP B 138 17.66 -0.08 23.76
C ASP B 138 18.52 0.60 22.69
N GLY B 139 18.12 0.42 21.44
CA GLY B 139 18.84 1.02 20.34
C GLY B 139 20.05 0.24 19.88
N LYS B 140 20.20 -0.97 20.40
CA LYS B 140 21.32 -1.83 20.02
C LYS B 140 20.84 -3.02 19.21
N LEU B 141 21.54 -3.31 18.12
CA LEU B 141 21.19 -4.45 17.25
C LEU B 141 21.51 -5.74 18.01
N CYS B 142 20.48 -6.54 18.26
CA CYS B 142 20.67 -7.79 19.00
C CYS B 142 20.48 -9.07 18.18
N ALA B 143 19.82 -8.97 17.04
CA ALA B 143 19.60 -10.14 16.18
C ALA B 143 19.35 -9.72 14.73
N GLN B 144 19.82 -10.57 13.82
CA GLN B 144 19.71 -10.34 12.37
C GLN B 144 18.99 -11.52 11.71
N PHE B 145 18.06 -11.20 10.82
CA PHE B 145 17.25 -12.21 10.14
C PHE B 145 17.15 -11.97 8.64
N ASP B 146 17.29 -13.05 7.87
CA ASP B 146 17.18 -13.00 6.43
C ASP B 146 16.21 -14.10 6.05
N GLY B 147 15.11 -13.72 5.42
CA GLY B 147 14.13 -14.70 5.04
C GLY B 147 13.65 -14.59 3.61
N LEU B 148 13.42 -15.75 3.00
CA LEU B 148 12.91 -15.79 1.63
C LEU B 148 11.45 -16.21 1.75
N TYR B 149 10.54 -15.32 1.39
CA TYR B 149 9.12 -15.64 1.45
C TYR B 149 8.59 -15.89 0.05
N VAL B 150 7.65 -16.82 -0.06
CA VAL B 150 7.06 -17.14 -1.35
C VAL B 150 5.55 -16.96 -1.23
N SER B 151 4.98 -16.15 -2.12
CA SER B 151 3.55 -15.91 -2.10
C SER B 151 2.89 -16.55 -3.32
N VAL B 152 1.89 -17.38 -3.07
CA VAL B 152 1.18 -18.06 -4.15
C VAL B 152 -0.24 -17.52 -4.28
N PRO B 153 -0.60 -17.03 -5.48
CA PRO B 153 -1.93 -16.49 -5.74
C PRO B 153 -3.00 -17.58 -5.75
N ASP C 12 -8.72 -1.35 1.07
CA ASP C 12 -9.21 -0.05 0.51
C ASP C 12 -8.86 1.11 1.44
N GLU C 13 -7.92 0.88 2.35
CA GLU C 13 -7.49 1.92 3.27
C GLU C 13 -6.71 2.98 2.50
N LEU C 14 -5.96 2.56 1.49
CA LEU C 14 -5.20 3.50 0.68
C LEU C 14 -6.16 4.37 -0.12
N LEU C 15 -7.23 3.76 -0.61
CA LEU C 15 -8.23 4.51 -1.39
C LEU C 15 -8.97 5.48 -0.47
N ASN C 16 -9.16 5.08 0.78
CA ASN C 16 -9.85 5.94 1.73
C ASN C 16 -8.99 7.18 1.95
N ARG C 17 -7.67 6.99 2.02
CA ARG C 17 -6.75 8.11 2.20
C ARG C 17 -6.80 9.03 1.00
N LEU C 18 -6.87 8.44 -0.19
CA LEU C 18 -6.93 9.22 -1.42
C LEU C 18 -8.17 10.09 -1.41
N ARG C 19 -9.31 9.49 -1.08
CA ARG C 19 -10.56 10.24 -1.03
C ARG C 19 -10.44 11.37 -0.02
N GLN C 20 -9.88 11.07 1.14
CA GLN C 20 -9.71 12.08 2.18
C GLN C 20 -8.79 13.20 1.72
N THR C 21 -7.75 12.84 0.96
CA THR C 21 -6.81 13.83 0.46
C THR C 21 -7.52 14.79 -0.51
N TRP C 22 -8.32 14.23 -1.41
CA TRP C 22 -9.06 15.06 -2.37
C TRP C 22 -9.98 16.06 -1.67
N HIS C 23 -10.94 15.55 -0.92
CA HIS C 23 -11.91 16.38 -0.22
C HIS C 23 -11.34 17.41 0.75
N SER C 24 -10.25 17.06 1.41
CA SER C 24 -9.64 17.96 2.39
C SER C 24 -8.76 19.04 1.77
N THR C 25 -8.31 18.82 0.54
CA THR C 25 -7.43 19.79 -0.12
C THR C 25 -8.06 20.48 -1.32
N ILE C 26 -9.09 19.87 -1.89
CA ILE C 26 -9.77 20.41 -3.08
C ILE C 26 -11.27 20.50 -2.84
N PRO C 27 -11.76 21.65 -2.35
CA PRO C 27 -13.18 21.85 -2.07
C PRO C 27 -14.12 21.40 -3.20
N VAL C 28 -13.71 21.62 -4.44
CA VAL C 28 -14.52 21.21 -5.58
C VAL C 28 -14.75 19.71 -5.60
N SER C 29 -13.73 18.94 -5.25
CA SER C 29 -13.88 17.48 -5.27
C SER C 29 -14.89 17.01 -4.23
N GLU C 30 -14.99 17.75 -3.14
CA GLU C 30 -15.93 17.43 -2.07
C GLU C 30 -17.36 17.73 -2.52
N PHE C 31 -17.54 18.86 -3.20
CA PHE C 31 -18.86 19.23 -3.69
C PHE C 31 -19.35 18.24 -4.75
N GLN C 33 -18.53 15.30 -4.88
CA GLN C 33 -18.62 14.03 -4.17
C GLN C 33 -17.91 12.88 -4.91
N ILE C 34 -16.73 13.18 -5.44
CA ILE C 34 -15.96 12.17 -6.16
C ILE C 34 -15.37 11.18 -5.15
N ALA C 35 -15.38 9.90 -5.50
CA ALA C 35 -14.84 8.90 -4.60
C ALA C 35 -14.35 7.66 -5.34
N PRO C 36 -13.23 7.08 -4.88
CA PRO C 36 -12.68 5.89 -5.52
C PRO C 36 -13.63 4.71 -5.37
N LEU C 37 -13.57 3.79 -6.32
CA LEU C 37 -14.41 2.59 -6.30
C LEU C 37 -13.53 1.38 -5.99
N SER C 38 -12.42 1.26 -6.70
CA SER C 38 -11.52 0.14 -6.50
C SER C 38 -10.16 0.36 -7.16
N PHE C 39 -9.19 -0.46 -6.75
CA PHE C 39 -7.85 -0.39 -7.30
C PHE C 39 -7.25 -1.79 -7.33
N THR C 40 -7.32 -2.41 -8.51
CA THR C 40 -6.79 -3.77 -8.67
C THR C 40 -6.13 -3.96 -10.03
N ASP C 41 -5.16 -4.86 -10.09
CA ASP C 41 -4.44 -5.18 -11.31
C ASP C 41 -4.02 -3.97 -12.14
N GLY C 42 -3.47 -2.96 -11.46
CA GLY C 42 -3.01 -1.76 -12.15
C GLY C 42 -4.09 -0.87 -12.72
N GLU C 43 -5.31 -1.03 -12.23
CA GLU C 43 -6.42 -0.21 -12.71
C GLU C 43 -7.19 0.44 -11.56
N LEU C 44 -7.30 1.75 -11.63
CA LEU C 44 -8.03 2.52 -10.62
C LEU C 44 -9.40 2.91 -11.20
N SER C 45 -10.45 2.67 -10.44
CA SER C 45 -11.81 3.02 -10.86
C SER C 45 -12.35 4.06 -9.88
N VAL C 46 -13.00 5.09 -10.41
CA VAL C 46 -13.55 6.18 -9.60
C VAL C 46 -14.94 6.55 -10.09
N SER C 47 -15.76 7.16 -9.24
CA SER C 47 -17.09 7.57 -9.65
C SER C 47 -17.51 8.83 -8.91
N ALA C 48 -18.65 9.38 -9.32
CA ALA C 48 -19.20 10.57 -8.69
C ALA C 48 -20.67 10.57 -9.03
N PRO C 49 -21.52 11.02 -8.10
CA PRO C 49 -22.97 11.07 -8.31
C PRO C 49 -23.37 12.10 -9.36
N LEU C 50 -24.51 11.89 -9.98
CA LEU C 50 -25.00 12.80 -11.00
C LEU C 50 -25.53 14.12 -10.44
N ALA C 51 -26.38 14.05 -9.42
CA ALA C 51 -27.00 15.24 -8.84
C ALA C 51 -26.19 16.53 -8.73
N PRO C 52 -25.05 16.51 -8.03
CA PRO C 52 -24.26 17.75 -7.91
C PRO C 52 -23.60 18.14 -9.22
N ASN C 53 -23.46 17.17 -10.11
CA ASN C 53 -22.79 17.37 -11.38
C ASN C 53 -23.68 17.45 -12.62
N ILE C 54 -24.96 17.79 -12.42
CA ILE C 54 -25.87 17.87 -13.56
C ILE C 54 -25.78 19.15 -14.37
N ASN C 55 -26.41 19.13 -15.54
CA ASN C 55 -26.47 20.29 -16.41
C ASN C 55 -27.94 20.49 -16.75
N LEU C 56 -28.19 21.34 -17.75
CA LEU C 56 -29.55 21.65 -18.19
C LEU C 56 -30.39 20.43 -18.57
N HIS C 57 -29.74 19.44 -19.17
CA HIS C 57 -30.42 18.23 -19.65
C HIS C 57 -30.48 17.10 -18.63
N HIS C 58 -30.04 17.37 -17.40
CA HIS C 58 -30.03 16.38 -16.34
C HIS C 58 -29.01 15.27 -16.61
N THR C 59 -28.02 15.56 -17.44
CA THR C 59 -26.95 14.61 -17.73
C THR C 59 -25.73 15.21 -17.06
N PHE C 61 -22.55 17.31 -16.39
CA PHE C 61 -21.94 18.54 -16.87
C PHE C 61 -20.54 18.28 -17.40
N ALA C 62 -20.24 18.88 -18.55
CA ALA C 62 -18.95 18.73 -19.21
C ALA C 62 -17.76 19.01 -18.30
N GLY C 63 -17.90 20.02 -17.44
CA GLY C 63 -16.82 20.37 -16.53
C GLY C 63 -16.62 19.31 -15.46
N SER C 64 -17.70 18.69 -15.02
CA SER C 64 -17.62 17.65 -14.02
C SER C 64 -16.98 16.41 -14.61
N ILE C 65 -17.35 16.09 -15.86
CA ILE C 65 -16.81 14.93 -16.55
C ILE C 65 -15.29 15.09 -16.61
N TYR C 66 -14.82 16.27 -17.00
CA TYR C 66 -13.38 16.50 -17.08
C TYR C 66 -12.71 16.43 -15.72
N THR C 67 -13.32 17.09 -14.74
CA THR C 67 -12.74 17.12 -13.41
C THR C 67 -12.59 15.75 -12.77
N ILE C 68 -13.62 14.90 -12.90
CA ILE C 68 -13.53 13.57 -12.32
C ILE C 68 -12.43 12.77 -13.02
N THR C 70 -9.68 14.00 -14.58
CA THR C 70 -8.35 14.46 -14.21
C THR C 70 -8.01 14.06 -12.76
N LEU C 71 -8.98 14.10 -11.86
CA LEU C 71 -8.71 13.69 -10.48
C LEU C 71 -8.35 12.20 -10.45
N THR C 72 -8.96 11.43 -11.36
CA THR C 72 -8.70 10.00 -11.44
C THR C 72 -7.25 9.76 -11.88
N GLY C 73 -6.80 10.52 -12.87
CA GLY C 73 -5.43 10.38 -13.34
C GLY C 73 -4.49 10.79 -12.22
N TRP C 74 -4.77 11.95 -11.64
CA TRP C 74 -3.97 12.47 -10.54
C TRP C 74 -3.92 11.41 -9.43
N GLY C 75 -5.07 10.85 -9.11
CA GLY C 75 -5.15 9.83 -8.07
C GLY C 75 -4.25 8.64 -8.31
N VAL C 77 -1.45 8.62 -10.03
CA VAL C 77 -0.06 9.01 -9.82
C VAL C 77 0.19 9.04 -8.30
N TRP C 78 -0.77 9.59 -7.56
CA TRP C 78 -0.66 9.69 -6.11
C TRP C 78 -0.49 8.31 -5.47
N LEU C 79 -1.28 7.34 -5.94
CA LEU C 79 -1.20 5.97 -5.43
C LEU C 79 0.16 5.36 -5.73
N GLN C 80 0.64 5.56 -6.96
CA GLN C 80 1.93 5.00 -7.33
C GLN C 80 3.03 5.62 -6.45
N GLN C 81 2.89 6.91 -6.14
CA GLN C 81 3.89 7.56 -5.30
C GLN C 81 3.87 6.97 -3.89
N GLN C 82 2.68 6.72 -3.35
CA GLN C 82 2.57 6.16 -2.01
C GLN C 82 3.18 4.76 -1.97
N LEU C 83 2.89 3.96 -3.00
CA LEU C 83 3.41 2.60 -3.09
C LEU C 83 4.93 2.54 -3.17
N LEU C 84 5.53 3.52 -3.83
CA LEU C 84 6.98 3.56 -4.00
C LEU C 84 7.65 4.35 -2.88
N ASN C 85 6.84 4.89 -1.98
CA ASN C 85 7.34 5.68 -0.86
C ASN C 85 8.16 6.88 -1.31
N VAL C 86 7.62 7.60 -2.29
CA VAL C 86 8.26 8.80 -2.80
C VAL C 86 7.25 9.92 -2.74
N ASP C 87 7.71 11.16 -2.74
CA ASP C 87 6.79 12.28 -2.66
C ASP C 87 7.05 13.25 -3.81
N GLY C 88 6.01 13.93 -4.24
CA GLY C 88 6.16 14.88 -5.33
C GLY C 88 4.84 15.57 -5.62
N ASP C 89 4.93 16.84 -6.01
CA ASP C 89 3.75 17.62 -6.34
C ASP C 89 3.32 17.25 -7.76
N ILE C 90 2.14 16.66 -7.86
CA ILE C 90 1.59 16.22 -9.15
C ILE C 90 0.83 17.35 -9.83
N VAL C 91 1.28 17.72 -11.01
CA VAL C 91 0.65 18.80 -11.75
C VAL C 91 0.34 18.39 -13.18
N LEU C 92 -0.89 18.66 -13.61
CA LEU C 92 -1.29 18.32 -14.97
C LEU C 92 -0.74 19.41 -15.88
N ALA C 93 0.01 19.01 -16.91
CA ALA C 93 0.61 19.94 -17.84
C ALA C 93 -0.28 20.21 -19.05
N ASP C 94 -0.85 19.15 -19.60
CA ASP C 94 -1.72 19.29 -20.75
C ASP C 94 -2.65 18.10 -20.85
N ALA C 95 -3.85 18.35 -21.37
CA ALA C 95 -4.82 17.29 -21.51
C ALA C 95 -5.71 17.50 -22.72
N HIS C 96 -6.27 16.39 -23.19
CA HIS C 96 -7.19 16.40 -24.32
C HIS C 96 -8.39 15.57 -23.88
N ILE C 97 -9.59 16.07 -24.16
CA ILE C 97 -10.76 15.30 -23.80
C ILE C 97 -11.75 15.29 -24.96
N ARG C 98 -12.37 14.13 -25.14
CA ARG C 98 -13.36 13.95 -26.19
C ARG C 98 -14.64 13.46 -25.55
N TYR C 99 -15.72 14.17 -25.82
CA TYR C 99 -17.04 13.83 -25.30
C TYR C 99 -17.78 13.05 -26.39
N LEU C 100 -18.01 11.76 -26.13
CA LEU C 100 -18.65 10.87 -27.09
C LEU C 100 -20.16 10.69 -26.96
N ALA C 101 -20.66 10.72 -25.73
CA ALA C 101 -22.09 10.55 -25.47
C ALA C 101 -22.44 11.13 -24.11
N PRO C 102 -23.71 11.51 -23.92
CA PRO C 102 -24.14 12.06 -22.64
C PRO C 102 -24.04 11.03 -21.51
N VAL C 103 -23.73 11.51 -20.30
CA VAL C 103 -23.62 10.64 -19.13
C VAL C 103 -24.93 10.77 -18.37
N THR C 104 -25.75 9.72 -18.41
CA THR C 104 -27.06 9.73 -17.78
C THR C 104 -27.18 9.27 -16.32
N SER C 105 -26.09 8.78 -15.75
CA SER C 105 -26.08 8.32 -14.36
C SER C 105 -24.64 8.25 -13.88
N ALA C 106 -24.47 7.88 -12.61
CA ALA C 106 -23.14 7.75 -12.01
C ALA C 106 -22.25 6.94 -12.94
N PRO C 107 -21.16 7.55 -13.42
CA PRO C 107 -20.24 6.87 -14.33
C PRO C 107 -19.15 6.05 -13.65
N GLU C 108 -18.41 5.31 -14.48
CA GLU C 108 -17.28 4.53 -14.00
C GLU C 108 -16.08 5.12 -14.73
N VAL C 109 -15.16 5.71 -13.98
CA VAL C 109 -13.97 6.33 -14.55
C VAL C 109 -12.77 5.44 -14.26
N LYS C 110 -12.11 4.98 -15.32
CA LYS C 110 -10.99 4.08 -15.17
C LYS C 110 -9.67 4.56 -15.77
N VAL C 111 -8.57 4.24 -15.08
CA VAL C 111 -7.24 4.61 -15.56
C VAL C 111 -6.29 3.46 -15.24
N ARG C 112 -5.40 3.15 -16.18
CA ARG C 112 -4.44 2.10 -16.01
C ARG C 112 -3.04 2.68 -15.91
N TRP C 113 -2.20 2.05 -15.10
CA TRP C 113 -0.84 2.52 -14.93
C TRP C 113 0.01 1.99 -16.08
N PRO C 114 0.60 2.89 -16.90
CA PRO C 114 1.43 2.49 -18.04
C PRO C 114 2.79 1.94 -17.63
N ASP C 115 2.92 1.62 -16.36
CA ASP C 115 4.15 1.08 -15.79
C ASP C 115 5.28 2.07 -15.99
N THR C 116 4.94 3.36 -16.01
CA THR C 116 5.93 4.41 -16.19
C THR C 116 6.84 4.43 -14.96
N ASN C 117 8.10 4.74 -15.18
CA ASN C 117 9.07 4.78 -14.08
C ASN C 117 9.00 6.06 -13.27
N LEU C 118 8.88 5.92 -11.95
CA LEU C 118 8.83 7.07 -11.06
C LEU C 118 10.18 7.24 -10.39
N SER C 119 11.18 6.51 -10.89
CA SER C 119 12.53 6.57 -10.35
C SER C 119 13.12 7.98 -10.36
N PRO C 120 12.74 8.81 -11.34
CA PRO C 120 13.30 10.17 -11.34
C PRO C 120 13.10 10.89 -10.01
N LEU C 121 11.94 10.69 -9.38
CA LEU C 121 11.67 11.33 -8.09
C LEU C 121 12.67 10.88 -7.04
N GLN C 122 13.09 9.62 -7.11
CA GLN C 122 14.05 9.08 -6.17
C GLN C 122 15.40 9.77 -6.35
N ARG C 123 15.63 10.32 -7.54
CA ARG C 123 16.86 11.03 -7.83
C ARG C 123 16.67 12.54 -7.72
N GLY C 124 15.57 12.95 -7.08
CA GLY C 124 15.30 14.37 -6.93
C GLY C 124 15.05 15.08 -8.24
N ARG C 125 14.49 14.36 -9.21
CA ARG C 125 14.19 14.89 -10.53
C ARG C 125 12.69 14.81 -10.85
N LYS C 126 12.24 15.62 -11.80
CA LYS C 126 10.83 15.60 -12.19
C LYS C 126 10.53 14.33 -12.99
N ALA C 127 9.34 13.76 -12.76
CA ALA C 127 8.94 12.55 -13.45
C ALA C 127 7.65 12.77 -14.22
N LYS C 128 7.70 12.58 -15.54
CA LYS C 128 6.53 12.76 -16.39
C LYS C 128 5.81 11.45 -16.59
N VAL C 129 4.48 11.52 -16.68
CA VAL C 129 3.67 10.33 -16.89
C VAL C 129 2.49 10.69 -17.78
N LYS C 130 2.33 9.93 -18.85
CA LYS C 130 1.25 10.12 -19.79
C LYS C 130 0.18 9.11 -19.43
N LEU C 131 -1.01 9.59 -19.08
CA LEU C 131 -2.10 8.70 -18.70
C LEU C 131 -3.31 8.84 -19.60
N GLU C 132 -4.06 7.75 -19.72
CA GLU C 132 -5.29 7.73 -20.50
C GLU C 132 -6.35 7.42 -19.47
N VAL C 133 -7.48 8.11 -19.55
CA VAL C 133 -8.59 7.90 -18.64
C VAL C 133 -9.83 7.79 -19.51
N GLN C 134 -10.70 6.81 -19.21
CA GLN C 134 -11.93 6.67 -19.95
C GLN C 134 -13.10 6.66 -18.99
N LEU C 135 -14.22 7.21 -19.44
CA LEU C 135 -15.43 7.28 -18.63
C LEU C 135 -16.56 6.51 -19.28
N PHE C 136 -17.15 5.58 -18.54
CA PHE C 136 -18.24 4.76 -19.03
C PHE C 136 -19.50 4.98 -18.20
N CYS C 137 -20.64 4.68 -18.79
CA CYS C 137 -21.93 4.78 -18.10
C CYS C 137 -22.74 3.59 -18.59
N ASP C 138 -23.16 2.75 -17.66
CA ASP C 138 -23.92 1.55 -18.02
C ASP C 138 -23.08 0.67 -18.94
N GLY C 139 -21.76 0.74 -18.79
CA GLY C 139 -20.87 -0.06 -19.61
C GLY C 139 -20.55 0.52 -20.99
N LYS C 140 -21.15 1.66 -21.32
CA LYS C 140 -20.90 2.30 -22.61
C LYS C 140 -19.93 3.47 -22.48
N LEU C 141 -18.96 3.53 -23.38
CA LEU C 141 -17.96 4.60 -23.37
C LEU C 141 -18.60 5.95 -23.67
N CYS C 142 -18.40 6.92 -22.78
CA CYS C 142 -18.98 8.25 -22.98
C CYS C 142 -17.96 9.36 -23.15
N ALA C 143 -16.74 9.14 -22.67
CA ALA C 143 -15.70 10.15 -22.80
C ALA C 143 -14.30 9.54 -22.71
N GLN C 144 -13.36 10.20 -23.38
CA GLN C 144 -11.96 9.80 -23.38
C GLN C 144 -11.10 10.98 -23.00
N PHE C 145 -10.11 10.72 -22.16
CA PHE C 145 -9.20 11.74 -21.65
C PHE C 145 -7.76 11.26 -21.78
N ASP C 146 -6.87 12.20 -22.09
CA ASP C 146 -5.46 11.92 -22.23
C ASP C 146 -4.79 13.06 -21.46
N GLY C 147 -3.90 12.73 -20.54
CA GLY C 147 -3.25 13.79 -19.78
C GLY C 147 -1.79 13.54 -19.47
N LEU C 148 -0.98 14.60 -19.54
CA LEU C 148 0.44 14.50 -19.23
C LEU C 148 0.61 15.08 -17.85
N TYR C 149 1.00 14.24 -16.90
CA TYR C 149 1.20 14.69 -15.53
C TYR C 149 2.68 14.77 -15.23
N VAL C 150 3.05 15.77 -14.44
CA VAL C 150 4.45 15.93 -14.06
C VAL C 150 4.52 15.97 -12.54
N SER C 151 5.35 15.10 -11.96
CA SER C 151 5.51 15.10 -10.51
C SER C 151 6.84 15.79 -10.23
N VAL C 152 6.79 16.84 -9.43
CA VAL C 152 7.97 17.62 -9.09
C VAL C 152 8.40 17.42 -7.64
N PRO C 153 9.70 17.21 -7.41
CA PRO C 153 10.20 17.01 -6.04
C PRO C 153 9.65 18.08 -5.11
N LYS C 154 9.29 17.67 -3.89
CA LYS C 154 8.75 18.59 -2.89
C LYS C 154 9.73 19.72 -2.59
N ASP D 12 -24.69 44.43 -19.06
CA ASP D 12 -25.09 43.97 -17.74
C ASP D 12 -26.31 43.04 -17.76
N GLU D 13 -27.39 43.48 -18.40
CA GLU D 13 -28.62 42.70 -18.49
C GLU D 13 -28.39 41.33 -19.12
N LEU D 14 -27.60 41.32 -20.19
CA LEU D 14 -27.30 40.10 -20.91
C LEU D 14 -26.38 39.21 -20.09
N LEU D 15 -25.34 39.81 -19.50
CA LEU D 15 -24.39 39.05 -18.69
C LEU D 15 -25.03 38.52 -17.42
N ASN D 16 -26.01 39.26 -16.90
CA ASN D 16 -26.68 38.82 -15.69
C ASN D 16 -27.52 37.57 -16.00
N ARG D 17 -28.16 37.56 -17.16
CA ARG D 17 -28.97 36.43 -17.59
C ARG D 17 -28.08 35.20 -17.74
N LEU D 18 -26.90 35.40 -18.32
CA LEU D 18 -25.96 34.31 -18.53
C LEU D 18 -25.55 33.68 -17.19
N ARG D 19 -25.20 34.52 -16.24
CA ARG D 19 -24.80 34.03 -14.92
C ARG D 19 -25.93 33.23 -14.28
N GLN D 20 -27.13 33.81 -14.27
CA GLN D 20 -28.30 33.15 -13.68
C GLN D 20 -28.56 31.81 -14.35
N THR D 21 -28.37 31.76 -15.67
CA THR D 21 -28.60 30.53 -16.41
C THR D 21 -27.63 29.46 -15.93
N TRP D 22 -26.36 29.84 -15.80
CA TRP D 22 -25.35 28.89 -15.33
C TRP D 22 -25.67 28.37 -13.94
N HIS D 23 -25.84 29.29 -12.99
CA HIS D 23 -26.10 28.91 -11.61
C HIS D 23 -27.40 28.17 -11.37
N SER D 24 -28.41 28.42 -12.19
CA SER D 24 -29.70 27.75 -12.01
C SER D 24 -29.78 26.40 -12.71
N THR D 25 -28.83 26.10 -13.59
CA THR D 25 -28.84 24.83 -14.31
C THR D 25 -27.63 23.93 -14.06
N ILE D 26 -26.52 24.54 -13.64
CA ILE D 26 -25.29 23.80 -13.41
C ILE D 26 -24.81 24.04 -11.97
N PRO D 27 -25.22 23.20 -11.02
CA PRO D 27 -24.84 23.34 -9.61
C PRO D 27 -23.34 23.59 -9.37
N VAL D 28 -22.49 22.97 -10.17
CA VAL D 28 -21.05 23.13 -10.03
C VAL D 28 -20.61 24.56 -10.32
N SER D 29 -21.26 25.21 -11.28
CA SER D 29 -20.88 26.57 -11.64
C SER D 29 -21.21 27.52 -10.49
N GLU D 30 -22.26 27.18 -9.74
CA GLU D 30 -22.67 27.99 -8.60
C GLU D 30 -21.69 27.78 -7.45
N PHE D 31 -21.26 26.54 -7.24
CA PHE D 31 -20.29 26.28 -6.17
C PHE D 31 -18.99 27.03 -6.47
N GLN D 33 -18.67 29.54 -8.21
CA GLN D 33 -18.98 30.95 -8.31
C GLN D 33 -18.44 31.61 -9.57
N ILE D 34 -18.61 30.91 -10.69
CA ILE D 34 -18.17 31.40 -11.99
C ILE D 34 -19.17 32.44 -12.48
N ALA D 35 -18.68 33.59 -12.93
CA ALA D 35 -19.57 34.63 -13.41
C ALA D 35 -18.91 35.55 -14.42
N PRO D 36 -19.69 36.07 -15.38
CA PRO D 36 -19.16 36.97 -16.41
C PRO D 36 -18.69 38.29 -15.79
N LEU D 37 -17.62 38.83 -16.33
CA LEU D 37 -17.07 40.11 -15.87
C LEU D 37 -17.52 41.22 -16.80
N SER D 38 -17.44 40.94 -18.11
CA SER D 38 -17.79 41.93 -19.11
C SER D 38 -17.82 41.35 -20.52
N PHE D 39 -18.40 42.11 -21.44
CA PHE D 39 -18.48 41.72 -22.85
C PHE D 39 -18.23 43.02 -23.63
N THR D 40 -16.96 43.35 -23.80
CA THR D 40 -16.58 44.56 -24.48
C THR D 40 -15.91 44.30 -25.82
N ASP D 41 -16.40 44.97 -26.85
CA ASP D 41 -15.87 44.85 -28.20
C ASP D 41 -15.71 43.41 -28.70
N GLY D 42 -16.72 42.59 -28.45
CA GLY D 42 -16.71 41.21 -28.90
C GLY D 42 -15.94 40.23 -28.04
N GLU D 43 -15.34 40.72 -26.97
CA GLU D 43 -14.58 39.85 -26.09
C GLU D 43 -15.30 39.62 -24.76
N LEU D 44 -15.56 38.36 -24.45
CA LEU D 44 -16.22 38.02 -23.20
C LEU D 44 -15.14 37.67 -22.18
N SER D 45 -15.24 38.27 -20.99
CA SER D 45 -14.30 38.02 -19.91
C SER D 45 -15.10 37.44 -18.75
N VAL D 46 -14.56 36.37 -18.16
CA VAL D 46 -15.22 35.67 -17.05
C VAL D 46 -14.24 35.44 -15.92
N SER D 47 -14.75 35.30 -14.69
CA SER D 47 -13.87 35.06 -13.55
C SER D 47 -14.59 34.23 -12.50
N ALA D 48 -13.88 33.99 -11.40
CA ALA D 48 -14.40 33.23 -10.28
C ALA D 48 -13.42 33.42 -9.14
N PRO D 49 -13.90 33.33 -7.91
CA PRO D 49 -13.04 33.49 -6.74
C PRO D 49 -12.14 32.28 -6.57
N LEU D 50 -10.95 32.50 -6.02
CA LEU D 50 -10.00 31.43 -5.82
C LEU D 50 -10.39 30.43 -4.73
N ALA D 51 -10.82 30.92 -3.57
CA ALA D 51 -11.18 30.09 -2.43
C ALA D 51 -11.90 28.76 -2.66
N PRO D 52 -13.08 28.78 -3.31
CA PRO D 52 -13.77 27.50 -3.54
C PRO D 52 -13.04 26.61 -4.53
N ASN D 53 -12.22 27.25 -5.35
CA ASN D 53 -11.48 26.57 -6.40
C ASN D 53 -10.02 26.26 -6.14
N ILE D 54 -9.62 26.26 -4.87
CA ILE D 54 -8.24 26.01 -4.51
C ILE D 54 -7.84 24.53 -4.53
N ASN D 55 -6.53 24.32 -4.51
CA ASN D 55 -5.96 22.97 -4.46
C ASN D 55 -5.02 22.93 -3.26
N LEU D 56 -4.19 21.91 -3.19
CA LEU D 56 -3.26 21.75 -2.08
C LEU D 56 -2.28 22.92 -1.93
N HIS D 57 -1.82 23.43 -3.08
CA HIS D 57 -0.86 24.54 -3.10
C HIS D 57 -1.50 25.92 -2.97
N HIS D 58 -2.79 25.94 -2.68
CA HIS D 58 -3.53 27.20 -2.54
C HIS D 58 -3.63 27.94 -3.86
N THR D 59 -3.39 27.25 -4.97
CA THR D 59 -3.52 27.88 -6.29
C THR D 59 -4.80 27.33 -6.89
N PHE D 61 -7.35 25.07 -8.69
CA PHE D 61 -7.45 23.67 -9.05
C PHE D 61 -7.59 23.49 -10.57
N ALA D 62 -6.92 22.46 -11.09
CA ALA D 62 -6.92 22.17 -12.53
C ALA D 62 -8.33 21.98 -13.09
N GLY D 63 -9.21 21.35 -12.31
CA GLY D 63 -10.56 21.12 -12.75
C GLY D 63 -11.34 22.42 -12.82
N SER D 64 -11.09 23.30 -11.85
CA SER D 64 -11.78 24.58 -11.82
C SER D 64 -11.34 25.41 -13.01
N ILE D 65 -10.04 25.41 -13.29
CA ILE D 65 -9.50 26.15 -14.43
C ILE D 65 -10.19 25.69 -15.72
N TYR D 66 -10.25 24.38 -15.92
CA TYR D 66 -10.89 23.83 -17.11
C TYR D 66 -12.36 24.22 -17.18
N THR D 67 -13.07 24.07 -16.07
CA THR D 67 -14.49 24.38 -16.06
C THR D 67 -14.80 25.84 -16.36
N ILE D 68 -14.01 26.77 -15.81
CA ILE D 68 -14.29 28.16 -16.08
C ILE D 68 -14.03 28.45 -17.57
N THR D 70 -14.25 26.30 -20.05
CA THR D 70 -15.32 25.63 -20.77
C THR D 70 -16.58 26.49 -20.79
N LEU D 71 -16.95 27.04 -19.63
CA LEU D 71 -18.15 27.88 -19.56
C LEU D 71 -17.95 29.23 -20.28
N THR D 72 -16.71 29.72 -20.33
CA THR D 72 -16.43 30.98 -21.00
C THR D 72 -16.66 30.78 -22.51
N GLY D 73 -16.25 29.62 -23.02
CA GLY D 73 -16.46 29.34 -24.43
C GLY D 73 -17.95 29.13 -24.65
N TRP D 74 -18.58 28.40 -23.74
CA TRP D 74 -20.00 28.13 -23.80
C TRP D 74 -20.73 29.47 -23.82
N GLY D 75 -20.34 30.38 -22.93
CA GLY D 75 -20.97 31.69 -22.86
C GLY D 75 -20.85 32.51 -24.13
N VAL D 77 -20.73 31.29 -27.16
CA VAL D 77 -21.67 30.73 -28.12
C VAL D 77 -23.06 31.24 -27.78
N TRP D 78 -23.34 31.32 -26.48
CA TRP D 78 -24.62 31.78 -26.00
C TRP D 78 -24.85 33.24 -26.41
N LEU D 79 -23.83 34.07 -26.24
CA LEU D 79 -23.94 35.49 -26.61
C LEU D 79 -24.16 35.65 -28.11
N GLN D 80 -23.42 34.88 -28.90
CA GLN D 80 -23.56 34.95 -30.36
C GLN D 80 -24.95 34.52 -30.80
N GLN D 81 -25.54 33.56 -30.09
CA GLN D 81 -26.88 33.10 -30.44
C GLN D 81 -27.86 34.23 -30.21
N GLN D 82 -27.62 35.01 -29.16
CA GLN D 82 -28.49 36.14 -28.83
C GLN D 82 -28.35 37.22 -29.89
N LEU D 83 -27.09 37.53 -30.24
CA LEU D 83 -26.82 38.55 -31.24
C LEU D 83 -27.35 38.16 -32.62
N LEU D 84 -27.38 36.86 -32.90
CA LEU D 84 -27.87 36.37 -34.19
C LEU D 84 -29.29 35.86 -34.12
N ASN D 85 -29.90 35.96 -32.95
CA ASN D 85 -31.27 35.51 -32.74
C ASN D 85 -31.48 34.08 -33.23
N VAL D 86 -30.64 33.18 -32.74
CA VAL D 86 -30.71 31.76 -33.10
C VAL D 86 -30.67 30.92 -31.84
N ASP D 87 -31.62 29.99 -31.71
CA ASP D 87 -31.67 29.14 -30.53
C ASP D 87 -30.94 27.83 -30.79
N GLY D 88 -30.80 27.03 -29.74
CA GLY D 88 -30.14 25.74 -29.87
C GLY D 88 -29.35 25.37 -28.63
N ASP D 89 -29.17 24.08 -28.40
CA ASP D 89 -28.41 23.60 -27.25
C ASP D 89 -26.92 23.59 -27.57
N ILE D 90 -26.15 24.19 -26.68
CA ILE D 90 -24.70 24.28 -26.86
C ILE D 90 -24.03 23.04 -26.27
N VAL D 91 -23.20 22.37 -27.06
CA VAL D 91 -22.52 21.19 -26.58
C VAL D 91 -21.03 21.23 -26.90
N LEU D 92 -20.21 20.78 -25.96
CA LEU D 92 -18.77 20.76 -26.18
C LEU D 92 -18.42 19.36 -26.69
N ALA D 93 -17.83 19.30 -27.88
CA ALA D 93 -17.46 18.02 -28.50
C ALA D 93 -16.10 17.52 -28.03
N ASP D 94 -15.13 18.41 -27.99
CA ASP D 94 -13.81 18.02 -27.54
C ASP D 94 -13.04 19.26 -27.17
N ALA D 95 -12.00 19.08 -26.38
CA ALA D 95 -11.22 20.22 -25.95
C ALA D 95 -9.79 19.84 -25.66
N HIS D 96 -8.90 20.82 -25.78
CA HIS D 96 -7.48 20.66 -25.52
C HIS D 96 -7.14 21.78 -24.55
N ILE D 97 -6.45 21.45 -23.46
CA ILE D 97 -6.08 22.47 -22.50
C ILE D 97 -4.61 22.35 -22.11
N ARG D 98 -3.94 23.48 -22.02
CA ARG D 98 -2.52 23.53 -21.63
C ARG D 98 -2.38 24.41 -20.40
N TYR D 99 -1.78 23.86 -19.36
CA TYR D 99 -1.56 24.61 -18.13
C TYR D 99 -0.13 25.13 -18.18
N LEU D 100 -0.01 26.46 -18.30
CA LEU D 100 1.28 27.12 -18.42
C LEU D 100 1.91 27.58 -17.10
N ALA D 101 1.09 28.04 -16.17
CA ALA D 101 1.59 28.52 -14.88
C ALA D 101 0.50 28.44 -13.82
N PRO D 102 0.91 28.41 -12.54
CA PRO D 102 -0.06 28.33 -11.46
C PRO D 102 -0.91 29.61 -11.37
N VAL D 103 -2.18 29.44 -11.03
CA VAL D 103 -3.12 30.56 -10.88
C VAL D 103 -3.17 30.89 -9.40
N THR D 104 -2.63 32.05 -9.03
CA THR D 104 -2.57 32.46 -7.63
C THR D 104 -3.66 33.40 -7.13
N SER D 105 -4.55 33.83 -8.02
CA SER D 105 -5.62 34.74 -7.63
C SER D 105 -6.74 34.72 -8.66
N ALA D 106 -7.84 35.41 -8.36
CA ALA D 106 -8.99 35.48 -9.27
C ALA D 106 -8.48 35.79 -10.67
N PRO D 107 -8.73 34.88 -11.64
CA PRO D 107 -8.29 35.06 -13.02
C PRO D 107 -9.23 35.84 -13.93
N GLU D 108 -8.75 36.13 -15.13
CA GLU D 108 -9.53 36.81 -16.15
C GLU D 108 -9.50 35.85 -17.32
N VAL D 109 -10.64 35.24 -17.63
CA VAL D 109 -10.74 34.27 -18.71
C VAL D 109 -11.42 34.95 -19.88
N LYS D 110 -10.69 35.06 -20.98
CA LYS D 110 -11.20 35.76 -22.17
C LYS D 110 -11.38 34.90 -23.43
N VAL D 111 -12.32 35.33 -24.26
CA VAL D 111 -12.61 34.64 -25.51
C VAL D 111 -13.27 35.58 -26.53
N ARG D 112 -12.97 35.37 -27.80
CA ARG D 112 -13.51 36.16 -28.91
C ARG D 112 -14.07 35.18 -29.92
N TRP D 113 -15.04 35.64 -30.72
CA TRP D 113 -15.61 34.77 -31.74
C TRP D 113 -14.74 34.84 -32.99
N PRO D 114 -14.40 33.68 -33.58
CA PRO D 114 -13.57 33.62 -34.77
C PRO D 114 -14.30 34.14 -36.01
N GLN D 122 -26.04 30.96 -38.33
CA GLN D 122 -26.47 29.87 -37.47
C GLN D 122 -27.81 29.32 -37.92
N ARG D 123 -28.86 30.13 -37.78
CA ARG D 123 -30.20 29.73 -38.19
C ARG D 123 -30.62 28.43 -37.51
N GLY D 124 -31.70 27.83 -38.02
CA GLY D 124 -32.17 26.57 -37.47
C GLY D 124 -31.43 25.39 -38.06
N ARG D 125 -30.11 25.55 -38.19
CA ARG D 125 -29.24 24.53 -38.75
C ARG D 125 -28.11 24.24 -37.75
N LYS D 126 -27.69 22.98 -37.65
CA LYS D 126 -26.61 22.63 -36.73
C LYS D 126 -25.32 23.34 -37.14
N ALA D 127 -24.65 23.96 -36.18
CA ALA D 127 -23.41 24.66 -36.48
C ALA D 127 -22.30 24.28 -35.50
N LYS D 128 -21.05 24.46 -35.95
CA LYS D 128 -19.90 24.14 -35.12
C LYS D 128 -18.94 25.33 -35.11
N VAL D 129 -18.19 25.48 -34.02
CA VAL D 129 -17.24 26.57 -33.92
C VAL D 129 -16.07 26.22 -33.01
N LYS D 130 -14.88 26.53 -33.46
CA LYS D 130 -13.66 26.27 -32.70
C LYS D 130 -13.34 27.55 -31.94
N LEU D 131 -13.35 27.46 -30.61
CA LEU D 131 -13.06 28.62 -29.79
C LEU D 131 -11.74 28.50 -29.03
N GLU D 132 -11.02 29.62 -28.99
CA GLU D 132 -9.76 29.69 -28.28
C GLU D 132 -10.00 30.54 -27.04
N VAL D 133 -9.82 29.93 -25.88
CA VAL D 133 -10.03 30.62 -24.61
C VAL D 133 -8.70 30.76 -23.89
N GLN D 134 -8.46 31.92 -23.30
CA GLN D 134 -7.23 32.16 -22.57
C GLN D 134 -7.50 32.58 -21.13
N LEU D 135 -6.66 32.10 -20.22
CA LEU D 135 -6.80 32.43 -18.81
C LEU D 135 -5.59 33.21 -18.32
N PHE D 136 -5.83 34.39 -17.76
CA PHE D 136 -4.76 35.25 -17.25
C PHE D 136 -4.88 35.49 -15.75
N CYS D 137 -3.75 35.79 -15.13
CA CYS D 137 -3.71 36.08 -13.71
C CYS D 137 -2.66 37.17 -13.54
N ASP D 138 -3.10 38.33 -13.08
CA ASP D 138 -2.18 39.47 -12.88
C ASP D 138 -1.52 39.86 -14.20
N GLY D 139 -2.15 39.51 -15.32
CA GLY D 139 -1.59 39.86 -16.63
C GLY D 139 -0.76 38.77 -17.28
N LYS D 140 -0.58 37.66 -16.57
CA LYS D 140 0.20 36.54 -17.10
C LYS D 140 -0.70 35.43 -17.65
N LEU D 141 -0.35 34.91 -18.83
CA LEU D 141 -1.12 33.82 -19.42
C LEU D 141 -0.78 32.56 -18.63
N CYS D 142 -1.77 31.97 -17.98
CA CYS D 142 -1.54 30.78 -17.17
C CYS D 142 -2.12 29.49 -17.77
N ALA D 143 -3.03 29.62 -18.74
CA ALA D 143 -3.62 28.45 -19.39
C ALA D 143 -4.23 28.79 -20.76
N GLN D 144 -4.21 27.81 -21.65
CA GLN D 144 -4.76 27.96 -23.01
C GLN D 144 -5.75 26.82 -23.23
N PHE D 145 -6.89 27.13 -23.82
CA PHE D 145 -7.95 26.15 -24.05
C PHE D 145 -8.49 26.26 -25.47
N ASP D 146 -8.63 25.11 -26.14
CA ASP D 146 -9.18 25.09 -27.50
C ASP D 146 -10.35 24.11 -27.46
N GLY D 147 -11.55 24.63 -27.68
CA GLY D 147 -12.72 23.78 -27.65
C GLY D 147 -13.57 23.83 -28.89
N LEU D 148 -14.13 22.68 -29.27
CA LEU D 148 -15.00 22.58 -30.42
C LEU D 148 -16.42 22.52 -29.89
N TYR D 149 -17.18 23.57 -30.12
CA TYR D 149 -18.56 23.62 -29.66
C TYR D 149 -19.52 23.42 -30.81
N VAL D 150 -20.67 22.83 -30.49
CA VAL D 150 -21.69 22.59 -31.50
C VAL D 150 -23.00 23.24 -31.02
N SER D 151 -23.68 23.91 -31.94
CA SER D 151 -24.94 24.56 -31.64
C SER D 151 -26.04 23.82 -32.40
N VAL D 152 -26.88 23.10 -31.67
CA VAL D 152 -27.96 22.32 -32.29
C VAL D 152 -29.31 22.95 -31.96
N PRO D 153 -29.97 23.56 -32.95
CA PRO D 153 -31.27 24.20 -32.72
C PRO D 153 -32.36 23.21 -32.30
#